data_9RE7
#
_entry.id   9RE7
#
_cell.length_a   52.049
_cell.length_b   71.307
_cell.length_c   97.521
_cell.angle_alpha   90.000
_cell.angle_beta   90.000
_cell.angle_gamma   90.000
#
_symmetry.space_group_name_H-M   'P 21 21 21'
#
loop_
_entity.id
_entity.type
_entity.pdbx_description
1 polymer 'cAMP-dependent protein kinase catalytic subunit alpha'
2 non-polymer 2-[(3S)-pyrrolidin-3-yl]-1H-benzimidazole
3 non-polymer 'DIMETHYL SULFOXIDE'
4 water water
#
_entity_poly.entity_id   1
_entity_poly.type   'polypeptide(L)'
_entity_poly.pdbx_seq_one_letter_code
;GHMGNAAAAKKGSEQESVKEFLAKAKEEFLKKWESPSQNTAQLDHFDRIKTLGTGSFGRVMLVKHKETGNHYAMKILDKQ
KVVKLKQIEHTLNEKRILQAVNFPFLVKLEFSFKDNSNLYMVMEYVPGGEMFSHLRRIGRF(SEP)EPHARFYAAQIVLT
FEYLHSLDLIYRDLKPENLLIDQQGYIQVTDFGFAKRVKGRTW(TPO)LCGTPEYLAPEIILSKGYNKAVDWWALGVLIY
EMAAGYPPFFADQPIQIYEKIVSGKVRFPSHFSSDLKDLLRNLLQVDLTKRFGNLKNGVNDIKNHKWFATTDWIAIYQRK
VEAPFIPKFKGPGDTSNFDDYEEEEIRV(SEP)INEKCGKEFTEF
;
_entity_poly.pdbx_strand_id   A
#
loop_
_chem_comp.id
_chem_comp.type
_chem_comp.name
_chem_comp.formula
D6V non-polymer 2-[(3S)-pyrrolidin-3-yl]-1H-benzimidazole 'C11 H13 N3'
DMS non-polymer 'DIMETHYL SULFOXIDE' 'C2 H6 O S'
#
# COMPACT_ATOMS: atom_id res chain seq x y z
N GLN A 15 -21.24 -15.25 5.80
CA GLN A 15 -21.11 -16.69 6.01
C GLN A 15 -20.14 -16.92 7.16
N GLU A 16 -20.40 -18.00 7.89
CA GLU A 16 -19.56 -18.30 9.04
C GLU A 16 -18.14 -18.56 8.61
N SER A 17 -17.92 -19.09 7.41
CA SER A 17 -16.52 -19.33 7.01
C SER A 17 -15.76 -18.03 6.87
N VAL A 18 -16.43 -16.98 6.37
CA VAL A 18 -15.75 -15.67 6.30
C VAL A 18 -15.54 -15.08 7.69
N LYS A 19 -16.59 -15.13 8.52
CA LYS A 19 -16.48 -14.63 9.90
C LYS A 19 -15.36 -15.34 10.63
N GLU A 20 -15.21 -16.66 10.41
CA GLU A 20 -14.19 -17.43 11.12
C GLU A 20 -12.81 -17.08 10.60
N PHE A 21 -12.70 -16.88 9.29
CA PHE A 21 -11.42 -16.50 8.70
C PHE A 21 -10.96 -15.20 9.31
N LEU A 22 -11.86 -14.19 9.37
CA LEU A 22 -11.46 -12.88 9.89
C LEU A 22 -11.17 -12.93 11.39
N ALA A 23 -11.89 -13.78 12.13
CA ALA A 23 -11.63 -13.90 13.57
C ALA A 23 -10.25 -14.49 13.81
N LYS A 24 -9.91 -15.52 13.05
CA LYS A 24 -8.57 -16.08 13.19
C LYS A 24 -7.52 -15.10 12.71
N ALA A 25 -7.81 -14.34 11.65
CA ALA A 25 -6.83 -13.33 11.22
C ALA A 25 -6.58 -12.30 12.31
N LYS A 26 -7.61 -11.90 13.04
CA LYS A 26 -7.42 -10.91 14.10
C LYS A 26 -6.67 -11.50 15.28
N GLU A 27 -6.95 -12.77 15.65
CA GLU A 27 -6.18 -13.47 16.68
C GLU A 27 -4.68 -13.49 16.40
N GLU A 28 -4.33 -13.84 15.17
CA GLU A 28 -2.91 -13.96 14.83
C GLU A 28 -2.24 -12.59 14.76
N PHE A 29 -2.95 -11.59 14.21
CA PHE A 29 -2.41 -10.23 14.18
C PHE A 29 -2.17 -9.72 15.59
N LEU A 30 -3.12 -9.95 16.52
CA LEU A 30 -2.98 -9.35 17.86
C LEU A 30 -1.82 -9.99 18.62
N LYS A 31 -1.58 -11.27 18.41
CA LYS A 31 -0.45 -11.90 19.10
C LYS A 31 0.87 -11.25 18.73
N LYS A 32 1.09 -10.97 17.44
CA LYS A 32 2.31 -10.25 17.03
C LYS A 32 2.25 -8.76 17.38
N TRP A 33 1.07 -8.14 17.31
CA TRP A 33 0.94 -6.72 17.64
C TRP A 33 1.38 -6.47 19.08
N GLU A 34 1.01 -7.38 19.98
CA GLU A 34 1.24 -7.22 21.41
C GLU A 34 2.68 -7.59 21.80
N SER A 35 3.37 -8.39 20.99
CA SER A 35 4.77 -8.76 21.27
C SER A 35 5.57 -8.67 19.98
N PRO A 36 5.92 -7.47 19.52
CA PRO A 36 6.55 -7.34 18.21
C PRO A 36 7.94 -7.94 18.14
N SER A 37 8.27 -8.49 16.94
CA SER A 37 9.67 -8.91 16.77
C SER A 37 10.55 -7.69 16.56
N GLN A 38 11.80 -7.79 17.01
CA GLN A 38 12.80 -6.74 16.97
C GLN A 38 14.16 -7.37 16.68
N ASN A 39 14.99 -6.63 15.95
CA ASN A 39 16.43 -6.94 15.87
C ASN A 39 16.69 -8.35 15.35
N THR A 40 16.13 -8.65 14.17
CA THR A 40 16.16 -10.03 13.67
C THR A 40 17.20 -10.28 12.59
N ALA A 41 17.98 -9.28 12.20
CA ALA A 41 19.15 -9.46 11.33
C ALA A 41 20.10 -8.30 11.60
N GLN A 42 21.15 -8.16 10.79
CA GLN A 42 22.02 -7.00 10.85
C GLN A 42 22.48 -6.66 9.42
N LEU A 43 22.96 -5.43 9.24
CA LEU A 43 23.26 -4.94 7.90
C LEU A 43 24.36 -5.77 7.23
N ASP A 44 25.37 -6.21 7.97
N ASP A 44 25.35 -6.22 8.01
CA ASP A 44 26.43 -6.95 7.30
CA ASP A 44 26.47 -7.03 7.49
C ASP A 44 26.06 -8.40 6.96
C ASP A 44 26.02 -8.33 6.85
N HIS A 45 24.77 -8.77 7.13
CA HIS A 45 24.27 -10.01 6.56
C HIS A 45 23.90 -9.88 5.08
N PHE A 46 23.85 -8.65 4.54
CA PHE A 46 23.32 -8.40 3.19
C PHE A 46 24.34 -7.64 2.35
N ASP A 47 24.44 -7.99 1.07
CA ASP A 47 25.19 -7.19 0.09
C ASP A 47 24.22 -6.19 -0.59
N ARG A 48 24.62 -4.95 -0.72
CA ARG A 48 23.89 -3.94 -1.48
C ARG A 48 23.99 -4.16 -3.00
N ILE A 49 22.83 -4.17 -3.70
N ILE A 49 22.87 -4.14 -3.70
CA ILE A 49 22.79 -4.40 -5.15
CA ILE A 49 22.88 -4.28 -5.15
C ILE A 49 22.42 -3.14 -5.94
C ILE A 49 22.50 -2.97 -5.83
N LYS A 50 21.29 -2.48 -5.60
CA LYS A 50 20.81 -1.37 -6.43
C LYS A 50 19.71 -0.60 -5.71
N THR A 51 19.61 0.70 -5.95
CA THR A 51 18.45 1.45 -5.46
C THR A 51 17.22 1.22 -6.34
N LEU A 52 16.10 0.83 -5.70
CA LEU A 52 14.85 0.56 -6.42
C LEU A 52 13.87 1.72 -6.37
N GLY A 53 14.04 2.66 -5.42
CA GLY A 53 13.04 3.72 -5.27
C GLY A 53 13.50 4.67 -4.18
N THR A 54 13.22 5.96 -4.27
CA THR A 54 13.81 6.92 -3.31
C THR A 54 12.94 8.14 -3.17
N PHE A 57 13.05 11.00 3.44
CA PHE A 57 13.81 10.47 4.58
C PHE A 57 14.32 9.04 4.40
N GLY A 58 13.97 8.42 3.23
CA GLY A 58 14.09 6.99 2.95
C GLY A 58 14.17 6.53 1.49
N ARG A 59 14.74 5.33 1.34
CA ARG A 59 15.06 4.73 0.04
C ARG A 59 14.78 3.24 0.16
N VAL A 60 14.53 2.58 -0.95
CA VAL A 60 14.36 1.13 -0.98
C VAL A 60 15.45 0.54 -1.88
N MET A 61 16.20 -0.45 -1.37
N MET A 61 16.19 -0.44 -1.34
CA MET A 61 17.30 -1.04 -2.12
CA MET A 61 17.32 -1.10 -1.99
C MET A 61 17.20 -2.54 -2.27
C MET A 61 16.99 -2.54 -2.34
N LEU A 62 17.54 -3.04 -3.45
CA LEU A 62 17.68 -4.49 -3.66
C LEU A 62 18.94 -4.90 -2.93
N VAL A 63 18.83 -5.96 -2.12
CA VAL A 63 19.95 -6.56 -1.39
C VAL A 63 19.94 -8.07 -1.62
N LYS A 64 21.07 -8.72 -1.30
CA LYS A 64 21.19 -10.18 -1.39
C LYS A 64 21.74 -10.67 -0.05
N HIS A 65 21.05 -11.62 0.56
CA HIS A 65 21.53 -12.21 1.81
C HIS A 65 22.78 -13.04 1.53
N LYS A 66 23.86 -12.76 2.27
N LYS A 66 23.85 -12.78 2.31
CA LYS A 66 25.15 -13.36 1.90
CA LYS A 66 25.15 -13.32 1.93
C LYS A 66 25.11 -14.88 2.04
C LYS A 66 25.33 -14.81 2.26
N GLU A 67 24.46 -15.39 3.09
CA GLU A 67 24.55 -16.81 3.41
C GLU A 67 23.62 -17.67 2.58
N THR A 68 22.43 -17.14 2.24
CA THR A 68 21.44 -17.94 1.53
C THR A 68 21.39 -17.64 0.04
N GLY A 69 21.87 -16.47 -0.39
CA GLY A 69 21.71 -16.02 -1.74
C GLY A 69 20.33 -15.48 -2.06
N ASN A 70 19.44 -15.39 -1.07
CA ASN A 70 18.10 -14.87 -1.34
C ASN A 70 18.13 -13.35 -1.54
N HIS A 71 17.32 -12.84 -2.48
CA HIS A 71 17.14 -11.40 -2.67
C HIS A 71 16.02 -10.90 -1.79
N TYR A 72 16.15 -9.63 -1.38
CA TYR A 72 15.14 -8.92 -0.60
C TYR A 72 15.15 -7.46 -1.01
N ALA A 73 14.08 -6.76 -0.65
CA ALA A 73 14.03 -5.30 -0.76
C ALA A 73 14.21 -4.68 0.63
N MET A 74 15.11 -3.74 0.80
CA MET A 74 15.43 -3.19 2.11
C MET A 74 15.07 -1.71 2.13
N LYS A 75 14.11 -1.32 2.98
CA LYS A 75 13.74 0.08 3.15
C LYS A 75 14.63 0.68 4.23
N ILE A 76 15.32 1.78 3.94
CA ILE A 76 16.25 2.40 4.88
C ILE A 76 15.74 3.79 5.22
N LEU A 77 15.65 4.10 6.52
CA LEU A 77 15.23 5.42 6.97
C LEU A 77 16.31 6.03 7.85
N ASP A 78 16.63 7.31 7.59
CA ASP A 78 17.62 8.04 8.38
C ASP A 78 16.89 8.60 9.60
N LYS A 79 17.29 8.16 10.81
CA LYS A 79 16.55 8.54 12.02
C LYS A 79 16.47 10.05 12.18
N GLN A 80 17.58 10.73 11.93
CA GLN A 80 17.54 12.17 12.13
C GLN A 80 16.56 12.86 11.18
N LYS A 81 16.34 12.31 9.98
CA LYS A 81 15.38 12.93 9.07
C LYS A 81 13.95 12.60 9.46
N VAL A 82 13.74 11.44 10.08
CA VAL A 82 12.41 11.06 10.55
C VAL A 82 11.95 12.00 11.64
N VAL A 83 12.81 12.20 12.65
CA VAL A 83 12.54 13.18 13.69
C VAL A 83 12.23 14.56 13.10
N LYS A 84 13.13 15.06 12.24
CA LYS A 84 12.95 16.41 11.69
C LYS A 84 11.67 16.52 10.88
N LEU A 85 11.30 15.46 10.17
CA LEU A 85 10.09 15.47 9.36
C LEU A 85 8.88 14.98 10.15
N LYS A 86 8.99 14.90 11.48
CA LYS A 86 7.87 14.61 12.40
C LYS A 86 7.16 13.28 12.09
N GLN A 87 7.92 12.30 11.60
CA GLN A 87 7.37 11.02 11.26
C GLN A 87 7.63 9.93 12.27
N ILE A 88 7.97 10.27 13.54
CA ILE A 88 8.36 9.22 14.47
C ILE A 88 7.22 8.21 14.68
N GLU A 89 6.05 8.72 15.07
CA GLU A 89 4.90 7.82 15.29
C GLU A 89 4.58 7.01 14.03
N HIS A 90 4.56 7.67 12.86
CA HIS A 90 4.26 6.98 11.61
C HIS A 90 5.26 5.84 11.32
N THR A 91 6.55 6.10 11.58
N THR A 91 6.55 6.07 11.56
CA THR A 91 7.57 5.08 11.33
CA THR A 91 7.51 5.00 11.27
C THR A 91 7.41 3.88 12.26
C THR A 91 7.41 3.86 12.27
N LEU A 92 7.13 4.16 13.54
CA LEU A 92 6.82 3.09 14.48
C LEU A 92 5.55 2.33 14.08
N ASN A 93 4.49 3.02 13.61
CA ASN A 93 3.29 2.33 13.12
C ASN A 93 3.69 1.35 12.01
N GLU A 94 4.45 1.86 11.03
CA GLU A 94 4.74 1.09 9.81
C GLU A 94 5.38 -0.25 10.17
N LYS A 95 6.43 -0.20 10.99
CA LYS A 95 7.14 -1.43 11.33
C LYS A 95 6.27 -2.34 12.20
N ARG A 96 5.58 -1.78 13.21
CA ARG A 96 4.77 -2.64 14.09
C ARG A 96 3.63 -3.32 13.34
N ILE A 97 3.02 -2.62 12.37
CA ILE A 97 1.96 -3.24 11.58
C ILE A 97 2.56 -4.30 10.65
N LEU A 98 3.65 -3.94 9.94
CA LEU A 98 4.16 -4.88 8.94
C LEU A 98 4.63 -6.18 9.56
N GLN A 99 5.19 -6.13 10.78
CA GLN A 99 5.63 -7.38 11.39
C GLN A 99 4.47 -8.22 11.91
N ALA A 100 3.27 -7.66 11.92
CA ALA A 100 2.12 -8.38 12.48
C ALA A 100 1.09 -8.87 11.47
N VAL A 101 1.07 -8.35 10.24
CA VAL A 101 0.06 -8.74 9.24
C VAL A 101 0.54 -9.93 8.40
N ASN A 102 -0.42 -10.60 7.74
CA ASN A 102 -0.15 -11.78 6.92
C ASN A 102 -1.34 -11.93 5.98
N PHE A 103 -1.15 -11.67 4.67
CA PHE A 103 -2.28 -11.75 3.73
C PHE A 103 -1.67 -11.92 2.34
N PRO A 104 -2.34 -12.61 1.41
CA PRO A 104 -1.68 -12.94 0.15
C PRO A 104 -1.27 -11.74 -0.67
N PHE A 105 -1.88 -10.58 -0.49
CA PHE A 105 -1.63 -9.39 -1.32
C PHE A 105 -0.89 -8.31 -0.56
N LEU A 106 -0.26 -8.63 0.58
CA LEU A 106 0.59 -7.66 1.30
C LEU A 106 2.02 -8.12 1.26
N VAL A 107 2.93 -7.18 0.95
N VAL A 107 2.95 -7.20 0.92
CA VAL A 107 4.35 -7.50 1.01
CA VAL A 107 4.39 -7.54 0.94
C VAL A 107 4.69 -8.06 2.39
C VAL A 107 4.78 -7.99 2.35
N LYS A 108 5.53 -9.10 2.42
CA LYS A 108 5.91 -9.72 3.67
C LYS A 108 7.19 -9.08 4.23
N LEU A 109 7.15 -8.65 5.50
CA LEU A 109 8.38 -8.23 6.19
C LEU A 109 9.11 -9.47 6.66
N GLU A 110 10.39 -9.59 6.28
CA GLU A 110 11.22 -10.74 6.62
C GLU A 110 12.15 -10.47 7.81
N PHE A 111 12.72 -9.27 7.91
CA PHE A 111 13.59 -8.89 9.03
C PHE A 111 13.44 -7.40 9.32
N SER A 112 13.86 -6.98 10.54
CA SER A 112 14.03 -5.55 10.81
C SER A 112 15.12 -5.36 11.83
N PHE A 113 15.75 -4.18 11.82
CA PHE A 113 16.83 -3.87 12.75
C PHE A 113 17.15 -2.39 12.61
N LYS A 114 18.02 -1.88 13.50
CA LYS A 114 18.43 -0.47 13.49
C LYS A 114 19.91 -0.41 13.84
N ASP A 115 20.53 0.72 13.52
CA ASP A 115 21.92 0.96 13.92
C ASP A 115 22.04 2.39 14.45
N ASN A 116 23.26 2.91 14.59
CA ASN A 116 23.37 4.23 15.19
C ASN A 116 22.59 5.29 14.38
N SER A 117 22.54 5.16 13.04
CA SER A 117 21.98 6.22 12.21
C SER A 117 20.63 5.90 11.61
N ASN A 118 20.36 4.63 11.31
CA ASN A 118 19.26 4.28 10.42
C ASN A 118 18.33 3.23 11.02
N LEU A 119 17.12 3.17 10.43
CA LEU A 119 16.18 2.06 10.65
C LEU A 119 16.11 1.24 9.35
N TYR A 120 15.94 -0.09 9.47
CA TYR A 120 15.94 -0.99 8.32
C TYR A 120 14.74 -1.93 8.37
N MET A 121 13.98 -2.01 7.28
CA MET A 121 12.93 -3.02 7.14
C MET A 121 13.22 -3.86 5.88
N VAL A 122 13.43 -5.16 6.05
CA VAL A 122 13.82 -6.03 4.93
C VAL A 122 12.58 -6.82 4.54
N MET A 123 12.12 -6.65 3.33
CA MET A 123 10.86 -7.20 2.83
C MET A 123 11.14 -8.15 1.67
N GLU A 124 10.11 -8.91 1.28
CA GLU A 124 10.22 -9.69 0.05
C GLU A 124 10.48 -8.75 -1.13
N TYR A 125 11.35 -9.19 -2.07
CA TYR A 125 11.54 -8.46 -3.31
C TYR A 125 10.47 -8.90 -4.31
N VAL A 126 9.73 -7.96 -4.87
CA VAL A 126 8.64 -8.23 -5.82
C VAL A 126 9.13 -7.73 -7.18
N PRO A 127 9.49 -8.60 -8.11
CA PRO A 127 10.34 -8.17 -9.23
C PRO A 127 9.59 -7.51 -10.38
N GLY A 128 8.26 -7.51 -10.38
CA GLY A 128 7.54 -7.03 -11.55
C GLY A 128 7.36 -5.53 -11.61
N GLY A 129 7.85 -4.78 -10.60
CA GLY A 129 7.76 -3.32 -10.64
C GLY A 129 6.44 -2.78 -10.10
N GLU A 130 6.32 -1.46 -10.14
CA GLU A 130 5.14 -0.77 -9.63
C GLU A 130 4.05 -0.83 -10.69
N MET A 131 2.79 -1.00 -10.23
CA MET A 131 1.66 -0.87 -11.17
C MET A 131 1.74 0.41 -11.96
N PHE A 132 2.15 1.51 -11.32
CA PHE A 132 2.21 2.79 -11.99
C PHE A 132 2.98 2.74 -13.31
N SER A 133 4.12 2.04 -13.32
N SER A 133 4.12 2.05 -13.35
CA SER A 133 4.92 1.93 -14.55
CA SER A 133 4.85 2.05 -14.63
C SER A 133 4.11 1.27 -15.67
C SER A 133 4.08 1.28 -15.70
N HIS A 134 3.48 0.14 -15.36
CA HIS A 134 2.72 -0.62 -16.37
C HIS A 134 1.50 0.17 -16.85
N LEU A 135 0.81 0.87 -15.93
CA LEU A 135 -0.34 1.68 -16.29
C LEU A 135 0.05 2.80 -17.24
N ARG A 136 1.16 3.47 -16.95
CA ARG A 136 1.57 4.56 -17.83
C ARG A 136 2.13 4.05 -19.13
N ARG A 137 2.74 2.84 -19.14
CA ARG A 137 3.24 2.27 -20.39
C ARG A 137 2.08 1.90 -21.34
N ILE A 138 1.02 1.30 -20.81
N ILE A 138 1.03 1.27 -20.81
CA ILE A 138 -0.06 0.85 -21.70
CA ILE A 138 -0.09 0.85 -21.68
C ILE A 138 -1.19 1.87 -21.83
C ILE A 138 -0.97 2.04 -22.00
N GLY A 139 -1.17 2.92 -21.01
CA GLY A 139 -2.13 4.00 -21.12
C GLY A 139 -3.28 3.86 -20.14
N ARG A 140 -4.06 2.78 -20.26
CA ARG A 140 -5.14 2.51 -19.30
C ARG A 140 -5.32 1.00 -19.25
N PHE A 141 -5.94 0.52 -18.20
CA PHE A 141 -6.34 -0.90 -18.15
C PHE A 141 -7.80 -1.04 -18.57
N SEP A 142 -8.07 -2.03 -19.39
CA SEP A 142 -9.46 -2.29 -19.73
CB SEP A 142 -9.57 -3.31 -20.82
OG SEP A 142 -10.91 -3.45 -21.23
C SEP A 142 -10.24 -2.72 -18.44
O SEP A 142 -9.64 -3.18 -17.46
P SEP A 142 -11.78 -2.19 -21.94
O1P SEP A 142 -12.42 -1.16 -20.87
O2P SEP A 142 -10.80 -1.44 -22.99
O3P SEP A 142 -12.98 -2.90 -22.72
N GLU A 143 -11.57 -2.55 -18.44
CA GLU A 143 -12.35 -2.84 -17.22
C GLU A 143 -12.12 -4.22 -16.62
N PRO A 144 -12.06 -5.30 -17.42
CA PRO A 144 -11.82 -6.62 -16.80
C PRO A 144 -10.49 -6.67 -16.04
N HIS A 145 -9.47 -6.02 -16.60
CA HIS A 145 -8.16 -5.99 -15.95
C HIS A 145 -8.19 -5.12 -14.70
N ALA A 146 -8.75 -3.89 -14.82
CA ALA A 146 -8.89 -3.03 -13.65
C ALA A 146 -9.67 -3.73 -12.54
N ARG A 147 -10.70 -4.52 -12.91
CA ARG A 147 -11.53 -5.24 -11.93
C ARG A 147 -10.74 -6.31 -11.21
N PHE A 148 -9.88 -7.04 -11.92
CA PHE A 148 -8.99 -8.03 -11.27
C PHE A 148 -8.14 -7.37 -10.19
N TYR A 149 -7.47 -6.25 -10.51
CA TYR A 149 -6.65 -5.59 -9.50
C TYR A 149 -7.53 -5.00 -8.36
N ALA A 150 -8.71 -4.43 -8.72
CA ALA A 150 -9.56 -3.83 -7.70
C ALA A 150 -10.05 -4.90 -6.72
N ALA A 151 -10.37 -6.09 -7.23
CA ALA A 151 -10.86 -7.18 -6.36
C ALA A 151 -9.81 -7.48 -5.29
N GLN A 152 -8.53 -7.50 -5.68
CA GLN A 152 -7.48 -7.76 -4.67
C GLN A 152 -7.43 -6.67 -3.62
N ILE A 153 -7.59 -5.40 -4.03
CA ILE A 153 -7.62 -4.32 -3.02
C ILE A 153 -8.83 -4.44 -2.11
N VAL A 154 -10.04 -4.76 -2.68
CA VAL A 154 -11.22 -4.97 -1.82
C VAL A 154 -10.95 -6.02 -0.75
N LEU A 155 -10.39 -7.18 -1.13
CA LEU A 155 -10.12 -8.23 -0.14
C LEU A 155 -9.09 -7.73 0.87
N THR A 156 -8.05 -7.01 0.40
CA THR A 156 -6.98 -6.57 1.31
C THR A 156 -7.52 -5.58 2.33
N PHE A 157 -8.39 -4.63 1.89
CA PHE A 157 -8.99 -3.68 2.83
C PHE A 157 -10.00 -4.37 3.76
N GLU A 158 -10.77 -5.36 3.26
CA GLU A 158 -11.59 -6.13 4.21
C GLU A 158 -10.72 -6.69 5.35
N TYR A 159 -9.59 -7.31 5.01
CA TYR A 159 -8.69 -7.84 6.02
C TYR A 159 -8.14 -6.74 6.93
N LEU A 160 -7.58 -5.67 6.37
CA LEU A 160 -6.97 -4.64 7.22
C LEU A 160 -8.00 -3.97 8.11
N HIS A 161 -9.15 -3.60 7.54
CA HIS A 161 -10.16 -2.93 8.35
C HIS A 161 -10.67 -3.81 9.48
N SER A 162 -10.72 -5.13 9.26
N SER A 162 -10.74 -5.13 9.26
CA SER A 162 -11.18 -6.04 10.33
CA SER A 162 -11.16 -6.02 10.34
C SER A 162 -10.20 -6.07 11.50
C SER A 162 -10.22 -5.96 11.52
N LEU A 163 -8.94 -5.69 11.27
CA LEU A 163 -7.92 -5.56 12.30
C LEU A 163 -7.88 -4.16 12.89
N ASP A 164 -8.85 -3.32 12.54
CA ASP A 164 -8.89 -1.90 12.96
C ASP A 164 -7.74 -1.11 12.35
N LEU A 165 -7.25 -1.52 11.20
CA LEU A 165 -6.18 -0.77 10.51
C LEU A 165 -6.76 0.08 9.39
N ILE A 166 -6.21 1.28 9.23
CA ILE A 166 -6.50 2.14 8.06
C ILE A 166 -5.20 2.27 7.28
N TYR A 167 -5.24 2.13 5.95
CA TYR A 167 -4.02 2.05 5.14
C TYR A 167 -3.50 3.43 4.76
N ARG A 168 -4.37 4.28 4.20
CA ARG A 168 -4.11 5.72 3.97
C ARG A 168 -3.06 6.06 2.92
N ASP A 169 -2.63 5.12 2.07
CA ASP A 169 -1.74 5.56 0.99
C ASP A 169 -1.98 4.78 -0.29
N LEU A 170 -3.24 4.47 -0.61
CA LEU A 170 -3.47 3.72 -1.85
C LEU A 170 -3.19 4.61 -3.07
N LYS A 171 -2.39 4.07 -4.01
CA LYS A 171 -2.04 4.70 -5.29
C LYS A 171 -1.22 3.69 -6.08
N PRO A 172 -1.16 3.84 -7.42
CA PRO A 172 -0.47 2.81 -8.24
C PRO A 172 1.00 2.63 -7.92
N GLU A 173 1.68 3.66 -7.41
CA GLU A 173 3.09 3.51 -7.08
C GLU A 173 3.31 2.59 -5.90
N ASN A 174 2.29 2.37 -5.05
CA ASN A 174 2.42 1.51 -3.88
C ASN A 174 1.92 0.09 -4.13
N LEU A 175 1.62 -0.28 -5.37
CA LEU A 175 1.09 -1.61 -5.66
C LEU A 175 2.12 -2.28 -6.55
N LEU A 176 2.82 -3.30 -6.05
CA LEU A 176 3.81 -3.99 -6.89
C LEU A 176 3.19 -5.18 -7.59
N ILE A 177 3.70 -5.54 -8.78
CA ILE A 177 3.19 -6.69 -9.52
C ILE A 177 4.14 -7.87 -9.35
N ASP A 178 3.62 -9.01 -8.84
CA ASP A 178 4.43 -10.17 -8.57
C ASP A 178 4.65 -11.10 -9.79
N GLN A 179 5.36 -12.22 -9.58
CA GLN A 179 5.70 -13.09 -10.70
C GLN A 179 4.48 -13.76 -11.32
N GLN A 180 3.37 -13.86 -10.58
CA GLN A 180 2.12 -14.40 -11.15
C GLN A 180 1.18 -13.29 -11.67
N GLY A 181 1.60 -12.03 -11.64
CA GLY A 181 0.76 -10.92 -12.07
C GLY A 181 -0.22 -10.39 -11.05
N TYR A 182 -0.09 -10.81 -9.77
CA TYR A 182 -0.95 -10.35 -8.70
C TYR A 182 -0.30 -9.16 -7.95
N ILE A 183 -1.14 -8.37 -7.27
CA ILE A 183 -0.67 -7.21 -6.51
C ILE A 183 -0.06 -7.59 -5.18
N GLN A 184 1.02 -6.89 -4.81
N GLN A 184 1.01 -6.89 -4.79
CA GLN A 184 1.55 -6.83 -3.45
CA GLN A 184 1.49 -6.87 -3.41
C GLN A 184 1.49 -5.37 -3.02
C GLN A 184 1.53 -5.42 -2.98
N VAL A 185 0.77 -5.09 -1.95
CA VAL A 185 0.72 -3.72 -1.40
C VAL A 185 1.96 -3.48 -0.55
N THR A 186 2.62 -2.36 -0.82
CA THR A 186 3.82 -1.99 -0.09
C THR A 186 3.61 -0.58 0.48
N ASP A 187 4.51 -0.18 1.33
CA ASP A 187 4.59 1.15 1.92
C ASP A 187 3.46 1.39 2.91
N PHE A 188 3.72 0.99 4.14
CA PHE A 188 2.78 1.18 5.24
C PHE A 188 3.14 2.40 6.08
N GLY A 189 3.84 3.38 5.50
CA GLY A 189 4.29 4.52 6.28
C GLY A 189 3.18 5.37 6.85
N PHE A 190 1.96 5.33 6.26
CA PHE A 190 0.84 6.08 6.82
C PHE A 190 -0.20 5.17 7.46
N ALA A 191 0.06 3.87 7.53
CA ALA A 191 -0.94 2.96 8.09
C ALA A 191 -1.04 3.11 9.60
N LYS A 192 -2.23 2.88 10.17
CA LYS A 192 -2.42 3.16 11.60
C LYS A 192 -3.52 2.26 12.16
N ARG A 193 -3.33 1.77 13.38
CA ARG A 193 -4.42 1.11 14.10
C ARG A 193 -5.29 2.16 14.78
N VAL A 194 -6.61 2.13 14.48
CA VAL A 194 -7.56 3.18 14.84
C VAL A 194 -8.85 2.50 15.32
N LYS A 195 -9.29 2.79 16.55
CA LYS A 195 -10.54 2.19 17.01
C LYS A 195 -11.79 2.98 16.64
N GLY A 196 -11.71 4.29 16.54
CA GLY A 196 -12.86 5.09 16.15
C GLY A 196 -12.45 6.00 15.01
N ARG A 197 -12.02 7.24 15.30
CA ARG A 197 -11.55 8.18 14.30
C ARG A 197 -10.07 8.56 14.51
N THR A 198 -9.47 9.15 13.48
CA THR A 198 -8.12 9.67 13.53
C THR A 198 -8.10 11.01 12.80
N TRP A 199 -7.02 11.78 12.98
CA TRP A 199 -7.03 13.20 12.56
C TRP A 199 -5.82 13.65 11.71
N TPO A 200 -4.80 12.82 11.45
CA TPO A 200 -3.58 13.36 10.83
CB TPO A 200 -2.41 12.37 10.96
CG2 TPO A 200 -1.10 12.99 10.54
OG1 TPO A 200 -2.27 12.05 12.32
P TPO A 200 -2.58 10.45 12.70
O1P TPO A 200 -1.51 9.60 11.99
O2P TPO A 200 -2.48 10.39 14.24
O3P TPO A 200 -3.96 10.15 12.13
C TPO A 200 -3.75 13.72 9.36
O TPO A 200 -4.31 12.89 8.62
N LEU A 201 -3.24 14.88 8.97
CA LEU A 201 -3.20 15.21 7.56
C LEU A 201 -2.06 14.43 6.91
N CYS A 202 -2.37 13.44 6.09
CA CYS A 202 -1.33 12.65 5.44
C CYS A 202 -1.95 11.94 4.26
N GLY A 203 -1.10 11.47 3.37
CA GLY A 203 -1.50 10.83 2.14
C GLY A 203 -1.02 11.61 0.94
N THR A 204 -1.50 11.22 -0.21
CA THR A 204 -1.11 11.86 -1.44
C THR A 204 -2.27 12.71 -1.94
N PRO A 205 -2.08 13.96 -2.37
CA PRO A 205 -3.22 14.87 -2.66
C PRO A 205 -4.34 14.33 -3.53
N GLU A 206 -3.99 13.77 -4.69
CA GLU A 206 -4.98 13.25 -5.61
C GLU A 206 -5.89 12.21 -4.99
N TYR A 207 -5.45 11.53 -3.94
CA TYR A 207 -6.17 10.40 -3.34
CA TYR A 207 -6.21 10.41 -3.38
C TYR A 207 -6.89 10.73 -2.04
N LEU A 208 -6.79 11.97 -1.56
CA LEU A 208 -7.35 12.29 -0.25
C LEU A 208 -8.88 12.42 -0.28
N ALA A 209 -9.56 11.84 0.72
CA ALA A 209 -11.01 12.01 0.84
C ALA A 209 -11.31 13.44 1.33
N PRO A 210 -12.53 13.92 1.06
CA PRO A 210 -12.89 15.29 1.50
C PRO A 210 -12.71 15.48 2.98
N GLU A 211 -13.06 14.48 3.81
CA GLU A 211 -12.95 14.68 5.26
C GLU A 211 -11.51 14.87 5.74
N ILE A 212 -10.51 14.31 5.05
CA ILE A 212 -9.11 14.62 5.40
C ILE A 212 -8.80 16.08 5.06
N ILE A 213 -9.17 16.51 3.85
CA ILE A 213 -8.91 17.89 3.41
C ILE A 213 -9.55 18.91 4.33
N LEU A 214 -10.74 18.61 4.85
CA LEU A 214 -11.49 19.54 5.71
C LEU A 214 -11.11 19.41 7.18
N SER A 215 -10.08 18.62 7.50
CA SER A 215 -9.53 18.58 8.86
C SER A 215 -10.54 18.01 9.85
N LYS A 216 -11.32 17.02 9.39
CA LYS A 216 -12.29 16.38 10.27
C LYS A 216 -11.65 15.14 10.86
N GLY A 217 -12.28 14.58 11.90
CA GLY A 217 -11.94 13.23 12.29
C GLY A 217 -12.48 12.22 11.28
N TYR A 218 -11.66 11.24 10.91
CA TYR A 218 -12.05 10.36 9.80
C TYR A 218 -11.75 8.92 10.14
N ASN A 219 -12.22 7.98 9.31
CA ASN A 219 -12.08 6.55 9.63
C ASN A 219 -11.78 5.79 8.34
N LYS A 220 -12.07 4.48 8.32
CA LYS A 220 -11.72 3.59 7.20
C LYS A 220 -12.44 3.99 5.92
N ALA A 221 -13.48 4.82 5.99
CA ALA A 221 -14.10 5.29 4.74
C ALA A 221 -13.11 6.00 3.82
N VAL A 222 -12.03 6.58 4.36
CA VAL A 222 -11.06 7.24 3.48
C VAL A 222 -10.39 6.26 2.54
N ASP A 223 -10.23 4.98 2.96
CA ASP A 223 -9.61 3.97 2.09
C ASP A 223 -10.57 3.62 0.96
N TRP A 224 -11.88 3.56 1.25
CA TRP A 224 -12.85 3.28 0.17
C TRP A 224 -12.94 4.42 -0.83
N TRP A 225 -12.87 5.68 -0.36
CA TRP A 225 -12.74 6.80 -1.30
C TRP A 225 -11.52 6.60 -2.20
N ALA A 226 -10.36 6.29 -1.59
CA ALA A 226 -9.14 6.14 -2.36
C ALA A 226 -9.27 5.00 -3.36
N LEU A 227 -10.00 3.92 -3.02
CA LEU A 227 -10.26 2.84 -4.00
C LEU A 227 -11.03 3.37 -5.20
N GLY A 228 -12.01 4.25 -4.95
CA GLY A 228 -12.69 4.93 -6.06
C GLY A 228 -11.76 5.69 -6.98
N VAL A 229 -10.81 6.45 -6.39
CA VAL A 229 -9.82 7.18 -7.19
C VAL A 229 -8.96 6.21 -7.98
N LEU A 230 -8.49 5.12 -7.33
CA LEU A 230 -7.62 4.16 -7.99
C LEU A 230 -8.35 3.47 -9.16
N ILE A 231 -9.59 3.02 -8.95
CA ILE A 231 -10.31 2.37 -10.05
C ILE A 231 -10.49 3.34 -11.22
N TYR A 232 -10.88 4.58 -10.91
CA TYR A 232 -11.00 5.57 -11.98
C TYR A 232 -9.67 5.74 -12.72
N GLU A 233 -8.57 5.89 -11.99
CA GLU A 233 -7.26 6.07 -12.64
C GLU A 233 -6.88 4.86 -13.48
N MET A 234 -7.11 3.63 -12.98
CA MET A 234 -6.78 2.45 -13.78
C MET A 234 -7.59 2.41 -15.08
N ALA A 235 -8.89 2.71 -15.01
CA ALA A 235 -9.76 2.54 -16.18
C ALA A 235 -9.71 3.72 -17.15
N ALA A 236 -9.38 4.92 -16.65
CA ALA A 236 -9.30 6.10 -17.49
C ALA A 236 -7.89 6.37 -17.96
N GLY A 237 -6.86 6.07 -17.14
CA GLY A 237 -5.52 6.43 -17.47
C GLY A 237 -4.99 7.61 -16.70
N TYR A 238 -5.88 8.33 -16.01
CA TYR A 238 -5.54 9.51 -15.24
C TYR A 238 -6.52 9.58 -14.08
N PRO A 239 -6.17 10.25 -12.98
CA PRO A 239 -7.08 10.27 -11.82
C PRO A 239 -8.18 11.29 -12.02
N PRO A 240 -9.25 11.21 -11.24
CA PRO A 240 -10.40 12.10 -11.45
C PRO A 240 -10.18 13.54 -11.07
N PHE A 241 -9.32 13.82 -10.07
CA PHE A 241 -9.08 15.17 -9.57
C PHE A 241 -7.57 15.48 -9.71
N PHE A 242 -7.25 16.50 -10.51
CA PHE A 242 -5.85 16.83 -10.71
C PHE A 242 -5.69 18.29 -11.08
N ALA A 243 -4.51 18.84 -10.77
CA ALA A 243 -4.18 20.25 -11.04
C ALA A 243 -2.75 20.47 -10.62
N ASP A 244 -2.18 21.63 -10.98
CA ASP A 244 -0.79 21.88 -10.58
C ASP A 244 -0.62 22.17 -9.10
N GLN A 245 -1.59 22.82 -8.46
CA GLN A 245 -1.45 23.20 -7.06
C GLN A 245 -2.30 22.27 -6.21
N PRO A 246 -1.78 21.76 -5.08
CA PRO A 246 -2.65 20.96 -4.21
C PRO A 246 -3.95 21.66 -3.84
N ILE A 247 -3.96 22.98 -3.59
CA ILE A 247 -5.22 23.60 -3.16
C ILE A 247 -6.27 23.50 -4.25
N GLN A 248 -5.84 23.53 -5.52
CA GLN A 248 -6.76 23.35 -6.63
C GLN A 248 -7.32 21.92 -6.70
N ILE A 249 -6.48 20.92 -6.44
CA ILE A 249 -6.96 19.55 -6.34
C ILE A 249 -8.01 19.43 -5.24
N TYR A 250 -7.71 20.04 -4.09
CA TYR A 250 -8.63 19.92 -2.96
C TYR A 250 -9.98 20.56 -3.26
N GLU A 251 -9.98 21.69 -3.97
CA GLU A 251 -11.26 22.30 -4.34
C GLU A 251 -12.10 21.36 -5.22
N LYS A 252 -11.45 20.66 -6.16
CA LYS A 252 -12.20 19.71 -6.99
C LYS A 252 -12.72 18.55 -6.15
N ILE A 253 -11.90 18.02 -5.23
CA ILE A 253 -12.28 16.88 -4.39
C ILE A 253 -13.52 17.21 -3.57
N VAL A 254 -13.52 18.37 -2.93
CA VAL A 254 -14.64 18.70 -2.05
C VAL A 254 -15.91 19.10 -2.81
N SER A 255 -15.82 19.40 -4.11
CA SER A 255 -16.98 19.94 -4.84
C SER A 255 -18.12 18.92 -5.05
N GLY A 256 -17.86 17.64 -4.97
CA GLY A 256 -18.92 16.72 -5.28
C GLY A 256 -19.07 16.43 -6.76
N LYS A 257 -18.16 16.89 -7.62
CA LYS A 257 -18.30 16.79 -9.08
C LYS A 257 -17.20 15.93 -9.67
N VAL A 258 -17.59 14.94 -10.48
N VAL A 258 -17.60 14.94 -10.46
CA VAL A 258 -16.65 14.06 -11.17
CA VAL A 258 -16.72 14.03 -11.17
C VAL A 258 -17.23 13.72 -12.54
C VAL A 258 -17.28 13.85 -12.56
N ARG A 259 -16.41 13.85 -13.58
CA ARG A 259 -16.81 13.59 -14.95
C ARG A 259 -16.21 12.26 -15.38
N PHE A 260 -17.03 11.43 -16.04
CA PHE A 260 -16.54 10.13 -16.42
C PHE A 260 -16.31 10.05 -17.93
N PRO A 261 -15.27 9.35 -18.38
CA PRO A 261 -15.11 9.09 -19.82
C PRO A 261 -16.32 8.34 -20.35
N SER A 262 -16.69 8.66 -21.61
CA SER A 262 -17.87 8.01 -22.16
C SER A 262 -17.67 6.51 -22.34
N HIS A 263 -16.42 6.02 -22.35
CA HIS A 263 -16.25 4.57 -22.51
C HIS A 263 -16.47 3.80 -21.22
N PHE A 264 -16.57 4.49 -20.07
CA PHE A 264 -16.86 3.76 -18.84
C PHE A 264 -18.23 3.07 -18.95
N SER A 265 -18.31 1.82 -18.48
CA SER A 265 -19.61 1.14 -18.44
C SER A 265 -20.53 1.86 -17.46
N SER A 266 -21.84 1.63 -17.62
CA SER A 266 -22.80 2.19 -16.66
C SER A 266 -22.55 1.64 -15.27
N ASP A 267 -22.25 0.34 -15.16
CA ASP A 267 -22.01 -0.24 -13.85
C ASP A 267 -20.78 0.38 -13.18
N LEU A 268 -19.71 0.63 -13.95
CA LEU A 268 -18.53 1.28 -13.36
C LEU A 268 -18.87 2.70 -12.84
N LYS A 269 -19.60 3.49 -13.65
CA LYS A 269 -19.97 4.83 -13.20
C LYS A 269 -20.77 4.75 -11.91
N ASP A 270 -21.71 3.79 -11.83
CA ASP A 270 -22.50 3.65 -10.62
C ASP A 270 -21.64 3.36 -9.41
N LEU A 271 -20.75 2.38 -9.53
CA LEU A 271 -19.85 2.06 -8.41
C LEU A 271 -19.04 3.27 -8.00
N LEU A 272 -18.46 3.98 -8.99
CA LEU A 272 -17.59 5.11 -8.64
C LEU A 272 -18.37 6.28 -8.00
N ARG A 273 -19.63 6.53 -8.39
CA ARG A 273 -20.42 7.56 -7.70
C ARG A 273 -20.62 7.20 -6.23
N ASN A 274 -20.67 5.90 -5.90
CA ASN A 274 -20.88 5.47 -4.51
C ASN A 274 -19.59 5.40 -3.69
N LEU A 275 -18.46 5.15 -4.35
CA LEU A 275 -17.15 5.23 -3.69
C LEU A 275 -16.69 6.68 -3.51
N LEU A 276 -16.87 7.49 -4.56
CA LEU A 276 -16.51 8.91 -4.58
C LEU A 276 -17.66 9.77 -4.04
N GLN A 277 -18.30 9.29 -2.97
CA GLN A 277 -19.40 10.00 -2.33
C GLN A 277 -18.79 10.92 -1.26
N VAL A 278 -19.03 12.23 -1.42
CA VAL A 278 -18.39 13.19 -0.52
C VAL A 278 -18.87 13.05 0.92
N ASP A 279 -20.11 12.63 1.16
CA ASP A 279 -20.61 12.45 2.52
C ASP A 279 -20.16 11.05 2.98
N LEU A 280 -19.23 10.99 3.94
CA LEU A 280 -18.70 9.70 4.35
C LEU A 280 -19.76 8.77 4.93
N THR A 281 -20.88 9.32 5.45
CA THR A 281 -21.92 8.48 6.02
C THR A 281 -22.76 7.81 4.94
N LYS A 282 -22.53 8.16 3.66
CA LYS A 282 -23.27 7.55 2.55
C LYS A 282 -22.36 6.77 1.62
N ARG A 283 -21.09 6.64 1.95
CA ARG A 283 -20.10 6.08 1.02
C ARG A 283 -20.06 4.57 1.11
N PHE A 284 -20.02 3.91 -0.05
CA PHE A 284 -19.90 2.47 -0.05
C PHE A 284 -18.63 2.03 0.68
N GLY A 285 -18.75 0.91 1.40
CA GLY A 285 -17.74 0.43 2.31
C GLY A 285 -17.94 0.91 3.73
N ASN A 286 -18.73 1.98 3.94
CA ASN A 286 -18.93 2.59 5.24
C ASN A 286 -20.39 2.53 5.67
N LEU A 287 -21.21 1.66 5.05
CA LEU A 287 -22.62 1.51 5.39
C LEU A 287 -22.82 0.26 6.22
N LYS A 288 -24.07 0.02 6.63
CA LYS A 288 -24.40 -1.14 7.48
C LYS A 288 -23.83 -2.45 6.92
N ASN A 289 -23.90 -2.64 5.60
CA ASN A 289 -23.40 -3.89 5.01
C ASN A 289 -21.88 -3.89 4.76
N GLY A 290 -21.17 -2.80 5.10
CA GLY A 290 -19.70 -2.78 4.96
C GLY A 290 -19.22 -3.16 3.56
N VAL A 291 -18.21 -4.03 3.51
CA VAL A 291 -17.56 -4.35 2.23
C VAL A 291 -18.52 -5.08 1.31
N ASN A 292 -19.60 -5.67 1.83
CA ASN A 292 -20.46 -6.47 0.97
C ASN A 292 -21.24 -5.61 -0.03
N ASP A 293 -21.47 -4.32 0.27
CA ASP A 293 -22.07 -3.45 -0.75
C ASP A 293 -21.18 -3.31 -1.98
N ILE A 294 -19.87 -3.40 -1.79
CA ILE A 294 -18.93 -3.35 -2.92
C ILE A 294 -18.84 -4.73 -3.59
N LYS A 295 -18.64 -5.79 -2.80
CA LYS A 295 -18.49 -7.11 -3.41
C LYS A 295 -19.73 -7.53 -4.21
N ASN A 296 -20.93 -7.12 -3.80
CA ASN A 296 -22.18 -7.50 -4.47
C ASN A 296 -22.62 -6.50 -5.54
N HIS A 297 -21.83 -5.45 -5.77
CA HIS A 297 -22.18 -4.48 -6.80
C HIS A 297 -22.09 -5.13 -8.20
N LYS A 298 -22.99 -4.73 -9.11
CA LYS A 298 -23.02 -5.29 -10.47
C LYS A 298 -21.67 -5.21 -11.19
N TRP A 299 -20.82 -4.19 -10.90
CA TRP A 299 -19.57 -4.13 -11.65
C TRP A 299 -18.70 -5.32 -11.33
N PHE A 300 -18.87 -5.93 -10.15
CA PHE A 300 -18.11 -7.12 -9.75
C PHE A 300 -18.84 -8.44 -10.01
N ALA A 301 -19.91 -8.45 -10.85
CA ALA A 301 -20.70 -9.67 -10.98
C ALA A 301 -19.89 -10.86 -11.50
N THR A 302 -18.87 -10.61 -12.34
CA THR A 302 -18.03 -11.67 -12.87
C THR A 302 -16.86 -12.08 -11.95
N THR A 303 -16.70 -11.42 -10.79
CA THR A 303 -15.58 -11.74 -9.91
C THR A 303 -15.86 -12.94 -9.01
N ASP A 304 -14.97 -13.93 -9.07
CA ASP A 304 -14.97 -15.10 -8.17
C ASP A 304 -14.04 -14.75 -7.01
N TRP A 305 -14.63 -14.26 -5.91
CA TRP A 305 -13.86 -13.72 -4.78
C TRP A 305 -12.94 -14.77 -4.17
N ILE A 306 -13.42 -16.02 -4.04
CA ILE A 306 -12.57 -17.08 -3.51
C ILE A 306 -11.43 -17.43 -4.46
N ALA A 307 -11.71 -17.55 -5.76
CA ALA A 307 -10.66 -17.81 -6.74
C ALA A 307 -9.59 -16.72 -6.74
N ILE A 308 -9.99 -15.46 -6.60
CA ILE A 308 -8.97 -14.39 -6.50
C ILE A 308 -8.10 -14.59 -5.27
N TYR A 309 -8.73 -14.78 -4.10
CA TYR A 309 -8.00 -14.97 -2.85
C TYR A 309 -7.02 -16.14 -2.94
N GLN A 310 -7.45 -17.25 -3.59
CA GLN A 310 -6.64 -18.45 -3.78
C GLN A 310 -5.65 -18.34 -4.94
N ARG A 311 -5.64 -17.23 -5.67
CA ARG A 311 -4.67 -17.01 -6.76
C ARG A 311 -4.87 -18.03 -7.89
N LYS A 312 -6.14 -18.32 -8.19
CA LYS A 312 -6.47 -19.32 -9.22
C LYS A 312 -6.90 -18.70 -10.54
N VAL A 313 -6.94 -17.38 -10.62
CA VAL A 313 -7.36 -16.65 -11.81
C VAL A 313 -6.13 -16.23 -12.61
N GLU A 314 -6.17 -16.45 -13.94
CA GLU A 314 -5.08 -16.02 -14.80
C GLU A 314 -5.02 -14.50 -14.83
N ALA A 315 -3.84 -13.95 -14.54
CA ALA A 315 -3.73 -12.50 -14.37
C ALA A 315 -3.83 -11.78 -15.74
N PRO A 316 -4.04 -10.44 -15.72
CA PRO A 316 -4.03 -9.66 -16.97
C PRO A 316 -2.73 -9.78 -17.73
N PHE A 317 -1.59 -9.75 -17.02
CA PHE A 317 -0.32 -10.02 -17.67
C PHE A 317 0.69 -10.48 -16.62
N ILE A 318 1.71 -11.12 -17.12
CA ILE A 318 2.83 -11.56 -16.31
C ILE A 318 4.00 -10.62 -16.60
N PRO A 319 4.61 -9.98 -15.60
CA PRO A 319 5.73 -9.08 -15.88
C PRO A 319 6.89 -9.84 -16.50
N LYS A 320 7.60 -9.16 -17.39
CA LYS A 320 8.76 -9.76 -18.04
C LYS A 320 10.01 -9.47 -17.20
N PHE A 321 10.70 -10.52 -16.76
CA PHE A 321 11.93 -10.34 -15.99
C PHE A 321 12.70 -11.66 -16.08
N LYS A 322 14.01 -11.59 -15.82
CA LYS A 322 14.86 -12.72 -16.14
C LYS A 322 15.15 -13.62 -14.96
N GLY A 323 14.89 -13.18 -13.74
CA GLY A 323 15.23 -13.97 -12.57
C GLY A 323 14.95 -13.17 -11.32
N PRO A 324 15.12 -13.82 -10.17
CA PRO A 324 14.75 -13.21 -8.90
C PRO A 324 15.53 -11.96 -8.57
N GLY A 325 16.69 -11.71 -9.19
CA GLY A 325 17.45 -10.49 -8.96
C GLY A 325 17.39 -9.48 -10.09
N ASP A 326 16.53 -9.69 -11.09
CA ASP A 326 16.39 -8.73 -12.17
C ASP A 326 15.67 -7.47 -11.69
N THR A 327 16.25 -6.29 -12.00
CA THR A 327 15.68 -5.01 -11.62
C THR A 327 15.13 -4.22 -12.83
N SER A 328 14.98 -4.88 -13.99
N SER A 328 14.98 -4.89 -13.98
CA SER A 328 14.62 -4.13 -15.20
CA SER A 328 14.63 -4.17 -15.21
C SER A 328 13.28 -3.42 -15.08
C SER A 328 13.24 -3.54 -15.19
N ASN A 329 12.35 -3.93 -14.26
CA ASN A 329 11.06 -3.27 -14.14
C ASN A 329 11.06 -2.10 -13.17
N PHE A 330 12.21 -1.75 -12.59
CA PHE A 330 12.35 -0.58 -11.75
C PHE A 330 13.27 0.41 -12.44
N ASP A 331 13.17 1.67 -12.05
CA ASP A 331 13.92 2.69 -12.76
C ASP A 331 15.28 2.96 -12.12
N ASP A 332 16.06 3.84 -12.74
CA ASP A 332 17.43 4.11 -12.28
C ASP A 332 17.47 5.38 -11.45
N TYR A 333 18.14 5.30 -10.28
CA TYR A 333 18.33 6.42 -9.38
C TYR A 333 19.82 6.58 -9.07
N GLU A 334 20.21 7.80 -8.71
CA GLU A 334 21.56 8.03 -8.21
C GLU A 334 21.85 7.09 -7.03
N GLU A 335 23.03 6.45 -7.03
CA GLU A 335 23.38 5.51 -5.97
C GLU A 335 24.08 6.31 -4.88
N GLU A 336 23.38 6.56 -3.78
CA GLU A 336 23.95 7.40 -2.74
C GLU A 336 24.44 6.57 -1.57
N GLU A 337 25.41 7.12 -0.84
CA GLU A 337 25.93 6.45 0.32
C GLU A 337 24.91 6.49 1.47
N ILE A 338 24.95 5.49 2.33
CA ILE A 338 24.20 5.56 3.60
C ILE A 338 25.01 6.34 4.64
N ARG A 339 24.30 7.02 5.53
CA ARG A 339 24.99 7.75 6.61
C ARG A 339 25.44 6.77 7.69
N VAL A 340 26.65 7.00 8.22
CA VAL A 340 27.20 6.14 9.25
C VAL A 340 27.76 7.02 10.34
N SEP A 341 27.19 6.92 11.55
CA SEP A 341 27.79 7.63 12.67
CB SEP A 341 26.77 8.57 13.29
OG SEP A 341 27.27 9.18 14.48
C SEP A 341 28.40 6.68 13.71
O SEP A 341 27.95 5.55 13.89
P SEP A 341 28.17 10.50 14.20
O1P SEP A 341 28.01 11.46 15.46
O2P SEP A 341 29.65 9.96 13.97
O3P SEP A 341 27.58 11.27 12.93
N ILE A 342 29.44 7.13 14.39
CA ILE A 342 29.98 6.35 15.51
C ILE A 342 29.20 6.56 16.83
N ASN A 343 28.23 7.47 16.83
CA ASN A 343 27.39 7.73 17.99
C ASN A 343 25.93 7.38 17.67
N GLU A 344 25.21 6.82 18.65
CA GLU A 344 23.80 6.49 18.44
C GLU A 344 22.95 7.75 18.41
N LYS A 345 22.08 7.86 17.41
CA LYS A 345 21.16 8.99 17.24
C LYS A 345 19.74 8.57 17.60
N CYS A 346 19.02 9.45 18.29
CA CYS A 346 17.57 9.26 18.49
C CYS A 346 17.26 7.91 19.15
N GLY A 347 18.09 7.50 20.10
CA GLY A 347 17.87 6.21 20.71
C GLY A 347 16.53 6.11 21.44
N LYS A 348 16.20 7.12 22.25
CA LYS A 348 14.95 7.06 23.00
C LYS A 348 13.75 7.01 22.08
N GLU A 349 13.77 7.82 21.01
CA GLU A 349 12.61 7.95 20.14
C GLU A 349 12.26 6.62 19.49
N PHE A 350 13.25 5.79 19.18
CA PHE A 350 13.06 4.56 18.40
C PHE A 350 13.31 3.31 19.25
N THR A 351 13.26 3.44 20.58
N THR A 351 13.22 3.43 20.57
CA THR A 351 13.45 2.29 21.46
CA THR A 351 13.53 2.29 21.42
C THR A 351 12.68 1.07 21.01
C THR A 351 12.66 1.07 21.13
N GLU A 352 11.40 1.25 20.68
CA GLU A 352 10.55 0.10 20.39
C GLU A 352 10.78 -0.48 18.99
N PHE A 353 11.54 0.18 18.13
CA PHE A 353 11.71 -0.35 16.78
C PHE A 353 12.57 -1.61 16.82
C4 D6V B . 9.11 -2.07 -2.39
C5 D6V B . 9.11 -3.29 -1.78
C6 D6V B . 8.78 0.13 -2.89
N1 D6V B . 9.39 -0.49 -3.96
C7 D6V B . 8.25 1.51 -2.76
C8 D6V B . 9.00 2.70 -3.27
N2 D6V B . 6.70 3.00 -3.89
C9 D6V B . 7.88 3.73 -3.39
C10 D6V B . 7.00 1.57 -3.69
C3 D6V B . 9.62 -1.83 -3.64
C2 D6V B . 10.22 -2.84 -4.35
C1 D6V B . 10.23 -4.09 -3.77
N D6V B . 8.56 -0.87 -1.89
C D6V B . 9.68 -4.31 -2.50
C4 D6V C . 24.04 -3.05 2.71
C5 D6V C . 22.83 -3.26 2.13
C6 D6V C . 26.07 -3.21 3.71
N1 D6V C . 25.86 -1.88 3.46
C7 D6V C . 27.20 -3.87 4.40
C8 D6V C . 28.59 -3.52 3.86
N2 D6V C . 28.60 -3.68 6.26
C9 D6V C . 29.46 -3.79 5.06
C10 D6V C . 27.21 -3.44 5.86
C3 D6V C . 24.62 -1.81 2.83
C2 D6V C . 23.95 -0.72 2.38
C1 D6V C . 22.72 -0.91 1.80
N D6V C . 24.95 -3.98 3.26
C D6V C . 22.18 -2.15 1.66
C4 D6V D . 29.44 8.81 6.01
C5 D6V D . 29.41 7.77 5.13
C6 D6V D . 29.06 10.33 7.68
N1 D6V D . 30.16 10.74 6.96
C7 D6V D . 28.45 11.00 8.86
C8 D6V D . 29.35 10.99 10.11
N2 D6V D . 28.07 12.99 10.00
C9 D6V D . 29.11 12.33 10.82
C10 D6V D . 28.31 12.49 8.62
C3 D6V D . 30.38 9.80 5.96
C2 D6V D . 31.36 9.75 4.99
C1 D6V D . 31.34 8.69 4.10
N D6V D . 28.59 9.11 7.11
C D6V D . 30.38 7.71 4.16
C4 D6V E . 0.10 -15.16 2.71
C5 D6V E . -0.85 -15.33 3.65
C6 D6V E . 1.86 -14.51 1.43
N1 D6V E . 1.17 -15.49 0.73
C7 D6V E . 3.08 -13.79 0.99
C8 D6V E . 3.53 -14.10 -0.45
N2 D6V E . 3.18 -11.78 -0.24
C9 D6V E . 3.14 -12.88 -1.22
C10 D6V E . 2.77 -12.29 1.05
C3 D6V E . 0.11 -15.86 1.55
C2 D6V E . -0.84 -16.78 1.31
C1 D6V E . -1.78 -16.99 2.24
N D6V E . 1.21 -14.27 2.71
C D6V E . -1.79 -16.29 3.41
S DMS F . -11.52 2.75 11.68
O DMS F . -12.55 2.80 10.60
C1 DMS F . -12.50 2.18 13.10
C2 DMS F . -10.54 1.23 11.45
S DMS G . 2.69 2.16 17.40
O DMS G . 3.35 1.49 18.61
C1 DMS G . 1.02 2.48 17.98
C2 DMS G . 3.24 3.89 17.46
S DMS H . -12.22 -13.83 -11.98
O DMS H . -12.57 -13.19 -10.66
C1 DMS H . -13.15 -15.37 -12.18
C2 DMS H . -12.96 -12.87 -13.28
S DMS I . 20.12 -14.00 9.60
O DMS I . 20.43 -12.83 8.69
C1 DMS I . 18.75 -13.50 10.64
C2 DMS I . 19.23 -15.25 8.64
S DMS J . 20.24 -10.67 14.72
O DMS J . 21.31 -11.32 13.88
C1 DMS J . 19.63 -11.94 15.85
C2 DMS J . 21.16 -9.83 16.04
S DMS K . -0.11 16.51 2.65
O DMS K . -1.27 15.52 2.73
C1 DMS K . 0.83 16.40 4.18
C2 DMS K . 1.05 15.72 1.51
S DMS L . -5.54 20.52 3.62
O DMS L . -4.14 21.05 3.46
C1 DMS L . -5.97 20.55 5.37
C2 DMS L . -6.57 21.92 3.13
#